data_7W27
#
_entry.id   7W27
#
_cell.length_a   51.680
_cell.length_b   61.592
_cell.length_c   135.881
_cell.angle_alpha   90.000
_cell.angle_beta   90.000
_cell.angle_gamma   90.000
#
_symmetry.space_group_name_H-M   'C 2 2 21'
#
loop_
_entity.id
_entity.type
_entity.pdbx_description
1 polymer "DNA (5'-D(P*GP*GP*AP*CP*CP*CP*AP*CP*GP*CP*AP*GP*C)-3')"
2 polymer "DNA (5'-D(P*GP*GP*CP*TP*GP*CP*GP*TP*GP*GP*GP*TP*C)-3')"
3 polymer 'BEN domain-containing protein 3'
4 water water
#
loop_
_entity_poly.entity_id
_entity_poly.type
_entity_poly.pdbx_seq_one_letter_code
_entity_poly.pdbx_strand_id
1 'polydeoxyribonucleotide' (DG)(DG)(DA)(DC)(DC)(DC)(DA)(DC)(DG)(DC)(DA)(DG)(DC) A
2 'polydeoxyribonucleotide' (DG)(DG)(DC)(DT)(DG)(DC)(DG)(DT)(DG)(DG)(DG)(DT)(DC) B
3 'polypeptide(L)'
;VPSPYLLSDKEVREIVQQSLSVGNFAARLLVRLFPELFTAENLRLQYNHSGACNKKQLDPTRLRLIRHYVEAVYPVEK
(MSE)EEVWHYECIPSIDERCRRPNRKKCDILKKAKK
;
C
#
# COMPACT_ATOMS: atom_id res chain seq x y z
N VAL C 1 14.80 -6.12 20.05
CA VAL C 1 13.81 -5.08 20.27
C VAL C 1 12.70 -5.16 19.22
N PRO C 2 11.53 -5.66 19.62
CA PRO C 2 10.41 -5.77 18.67
C PRO C 2 10.01 -4.41 18.12
N SER C 3 9.64 -4.39 16.84
CA SER C 3 9.28 -3.15 16.17
C SER C 3 7.88 -2.70 16.62
N PRO C 4 7.67 -1.38 16.77
CA PRO C 4 6.33 -0.88 17.08
C PRO C 4 5.34 -1.01 15.93
N TYR C 5 5.82 -1.25 14.71
CA TYR C 5 4.95 -1.43 13.56
C TYR C 5 4.37 -2.83 13.47
N LEU C 6 4.72 -3.73 14.38
CA LEU C 6 4.25 -5.11 14.27
C LEU C 6 2.76 -5.16 14.55
N LEU C 7 2.05 -5.99 13.79
CA LEU C 7 0.61 -6.18 13.93
C LEU C 7 0.33 -7.53 14.57
N SER C 8 -0.61 -7.56 15.51
CA SER C 8 -1.01 -8.82 16.13
C SER C 8 -1.68 -9.72 15.09
N ASP C 9 -1.74 -11.01 15.42
CA ASP C 9 -2.45 -11.95 14.56
C ASP C 9 -3.89 -11.50 14.32
N LYS C 10 -4.55 -10.99 15.37
CA LYS C 10 -5.92 -10.53 15.24
C LYS C 10 -6.00 -9.33 14.29
N GLU C 11 -5.07 -8.39 14.40
CA GLU C 11 -5.08 -7.24 13.51
C GLU C 11 -4.86 -7.66 12.06
N VAL C 12 -3.91 -8.57 11.84
CA VAL C 12 -3.65 -9.06 10.48
C VAL C 12 -4.89 -9.73 9.92
N ARG C 13 -5.53 -10.58 10.73
CA ARG C 13 -6.73 -11.26 10.27
C ARG C 13 -7.83 -10.26 9.90
N GLU C 14 -8.03 -9.22 10.71
CA GLU C 14 -9.06 -8.23 10.38
C GLU C 14 -8.76 -7.51 9.07
N ILE C 15 -7.48 -7.32 8.74
CA ILE C 15 -7.12 -6.72 7.45
C ILE C 15 -7.31 -7.73 6.32
N VAL C 16 -6.90 -8.97 6.53
CA VAL C 16 -7.08 -10.01 5.51
C VAL C 16 -8.55 -10.18 5.17
N GLN C 17 -9.42 -10.17 6.18
CA GLN C 17 -10.84 -10.40 5.97
C GLN C 17 -11.48 -9.32 5.09
N GLN C 18 -10.84 -8.15 4.95
CA GLN C 18 -11.33 -7.10 4.09
C GLN C 18 -10.60 -7.05 2.75
N SER C 19 -9.60 -7.89 2.56
CA SER C 19 -8.72 -7.81 1.41
C SER C 19 -9.29 -8.59 0.23
N LEU C 20 -9.46 -7.92 -0.90
CA LEU C 20 -10.03 -8.56 -2.08
C LEU C 20 -9.03 -9.45 -2.81
N SER C 21 -7.73 -9.22 -2.60
CA SER C 21 -6.68 -9.89 -3.33
C SER C 21 -5.41 -9.69 -2.53
N VAL C 22 -4.36 -10.45 -2.89
CA VAL C 22 -3.07 -10.26 -2.24
C VAL C 22 -2.54 -8.86 -2.50
N GLY C 23 -2.79 -8.32 -3.70
CA GLY C 23 -2.40 -6.95 -3.98
C GLY C 23 -3.12 -5.94 -3.10
N ASN C 24 -4.43 -6.15 -2.89
CA ASN C 24 -5.19 -5.26 -2.01
C ASN C 24 -4.71 -5.40 -0.56
N PHE C 25 -4.33 -6.61 -0.14
CA PHE C 25 -3.76 -6.79 1.20
C PHE C 25 -2.51 -5.93 1.37
N ALA C 26 -1.61 -5.96 0.38
CA ALA C 26 -0.43 -5.11 0.44
C ALA C 26 -0.79 -3.64 0.57
N ALA C 27 -1.77 -3.18 -0.23
CA ALA C 27 -2.19 -1.79 -0.14
C ALA C 27 -2.79 -1.44 1.21
N ARG C 28 -3.58 -2.36 1.78
CA ARG C 28 -4.17 -2.09 3.09
C ARG C 28 -3.09 -2.04 4.17
N LEU C 29 -2.07 -2.90 4.05
CA LEU C 29 -0.95 -2.86 5.00
C LEU C 29 -0.19 -1.55 4.87
N LEU C 30 -0.01 -1.07 3.63
CA LEU C 30 0.63 0.22 3.39
C LEU C 30 -0.08 1.33 4.17
N VAL C 31 -1.40 1.40 4.06
CA VAL C 31 -2.15 2.44 4.76
C VAL C 31 -1.98 2.32 6.28
N ARG C 32 -2.04 1.08 6.79
CA ARG C 32 -1.92 0.83 8.22
C ARG C 32 -0.53 1.18 8.74
N LEU C 33 0.51 0.88 7.96
CA LEU C 33 1.89 1.06 8.41
C LEU C 33 2.47 2.44 8.12
N PHE C 34 1.84 3.23 7.24
CA PHE C 34 2.29 4.58 6.88
C PHE C 34 1.20 5.60 7.12
N PRO C 35 0.65 5.68 8.34
CA PRO C 35 -0.43 6.67 8.58
C PRO C 35 -0.02 8.10 8.24
N GLU C 36 1.25 8.45 8.43
CA GLU C 36 1.70 9.81 8.15
C GLU C 36 1.54 10.18 6.68
N LEU C 37 1.37 9.19 5.79
CA LEU C 37 1.21 9.47 4.37
C LEU C 37 -0.25 9.57 3.93
N PHE C 38 -1.19 9.24 4.81
CA PHE C 38 -2.59 9.15 4.46
C PHE C 38 -3.47 10.08 5.27
N THR C 39 -2.90 11.20 5.73
CA THR C 39 -3.66 12.27 6.33
C THR C 39 -4.26 13.14 5.23
N ALA C 40 -4.94 14.21 5.64
CA ALA C 40 -5.47 15.14 4.65
C ALA C 40 -4.37 15.87 3.86
N GLU C 41 -3.12 15.84 4.33
CA GLU C 41 -2.03 16.41 3.54
C GLU C 41 -1.67 15.56 2.34
N ASN C 42 -2.05 14.28 2.33
CA ASN C 42 -1.76 13.39 1.21
C ASN C 42 -0.27 13.37 0.85
N LEU C 43 0.58 13.22 1.87
CA LEU C 43 2.00 13.14 1.61
C LEU C 43 2.35 11.92 0.75
N ARG C 44 1.48 10.91 0.74
CA ARG C 44 1.65 9.73 -0.11
C ARG C 44 1.92 10.09 -1.57
N LEU C 45 1.37 11.21 -2.05
CA LEU C 45 1.54 11.60 -3.44
C LEU C 45 2.99 11.88 -3.80
N GLN C 46 3.83 12.09 -2.80
CA GLN C 46 5.25 12.35 -3.02
C GLN C 46 6.11 11.10 -2.97
N TYR C 47 5.52 9.92 -2.75
CA TYR C 47 6.27 8.69 -2.53
C TYR C 47 5.84 7.61 -3.50
N ASN C 48 6.77 6.72 -3.80
CA ASN C 48 6.44 5.40 -4.32
C ASN C 48 7.40 4.38 -3.71
N HIS C 49 7.25 3.11 -4.11
CA HIS C 49 8.01 2.08 -3.39
C HIS C 49 9.51 2.18 -3.63
N SER C 50 9.95 2.80 -4.71
CA SER C 50 11.34 2.72 -5.15
C SER C 50 12.04 4.07 -5.27
N GLY C 51 11.31 5.18 -5.18
CA GLY C 51 11.87 6.46 -5.52
C GLY C 51 12.00 6.72 -7.00
N ALA C 52 11.37 5.89 -7.84
CA ALA C 52 11.37 6.11 -9.28
C ALA C 52 10.60 7.38 -9.61
N CYS C 53 10.83 7.88 -10.82
CA CYS C 53 10.15 9.08 -11.32
C CYS C 53 10.39 10.29 -10.40
N ASN C 54 11.61 10.37 -9.85
CA ASN C 54 12.05 11.50 -9.02
C ASN C 54 11.15 11.72 -7.81
N LYS C 55 10.67 10.64 -7.21
CA LYS C 55 9.88 10.72 -5.99
C LYS C 55 10.67 10.17 -4.81
N LYS C 56 10.14 10.40 -3.62
CA LYS C 56 10.71 9.84 -2.40
C LYS C 56 10.37 8.35 -2.31
N GLN C 57 11.20 7.63 -1.57
CA GLN C 57 11.08 6.18 -1.45
C GLN C 57 10.42 5.81 -0.13
N LEU C 58 9.45 4.91 -0.17
CA LEU C 58 8.83 4.42 1.07
C LEU C 58 9.89 3.77 1.94
N ASP C 59 9.80 4.01 3.26
CA ASP C 59 10.66 3.38 4.26
C ASP C 59 10.97 1.93 3.87
N PRO C 60 12.21 1.62 3.48
CA PRO C 60 12.51 0.23 3.09
C PRO C 60 12.23 -0.78 4.16
N THR C 61 12.40 -0.42 5.44
CA THR C 61 12.18 -1.40 6.49
C THR C 61 10.70 -1.76 6.62
N ARG C 62 9.82 -0.77 6.51
CA ARG C 62 8.39 -1.09 6.54
C ARG C 62 7.94 -1.77 5.25
N LEU C 63 8.57 -1.48 4.12
CA LEU C 63 8.23 -2.21 2.90
C LEU C 63 8.57 -3.68 3.05
N ARG C 64 9.72 -4.00 3.68
CA ARG C 64 10.04 -5.40 3.97
C ARG C 64 9.02 -6.03 4.90
N LEU C 65 8.51 -5.25 5.87
CA LEU C 65 7.49 -5.76 6.76
C LEU C 65 6.20 -6.08 6.02
N ILE C 66 5.80 -5.22 5.07
CA ILE C 66 4.61 -5.54 4.27
C ILE C 66 4.79 -6.86 3.57
N ARG C 67 5.95 -7.04 2.93
CA ARG C 67 6.23 -8.29 2.23
CA ARG C 67 6.23 -8.29 2.23
C ARG C 67 6.21 -9.47 3.20
N HIS C 68 6.74 -9.28 4.41
CA HIS C 68 6.71 -10.33 5.42
C HIS C 68 5.29 -10.79 5.70
N TYR C 69 4.36 -9.84 5.92
CA TYR C 69 2.97 -10.21 6.20
C TYR C 69 2.30 -10.87 4.99
N VAL C 70 2.55 -10.32 3.79
CA VAL C 70 2.02 -10.95 2.58
C VAL C 70 2.46 -12.39 2.51
N GLU C 71 3.75 -12.65 2.75
CA GLU C 71 4.30 -13.99 2.60
C GLU C 71 3.92 -14.91 3.74
N ALA C 72 3.52 -14.36 4.89
CA ALA C 72 3.05 -15.17 5.99
C ALA C 72 1.61 -15.64 5.80
N VAL C 73 0.82 -14.92 5.00
CA VAL C 73 -0.61 -15.17 4.86
C VAL C 73 -0.95 -15.87 3.54
N TYR C 74 -0.45 -15.35 2.43
CA TYR C 74 -0.91 -15.75 1.11
C TYR C 74 -0.01 -16.85 0.53
N PRO C 75 -0.45 -17.52 -0.54
CA PRO C 75 0.36 -18.59 -1.13
C PRO C 75 1.71 -18.08 -1.59
N VAL C 76 2.72 -18.95 -1.50
CA VAL C 76 4.09 -18.56 -1.81
C VAL C 76 4.64 -19.19 -3.08
N GLU C 77 3.84 -20.02 -3.79
CA GLU C 77 4.37 -20.76 -4.94
C GLU C 77 4.93 -19.85 -6.03
N LYS C 78 4.39 -18.63 -6.15
CA LYS C 78 4.95 -17.69 -7.12
C LYS C 78 5.19 -16.34 -6.46
N GLU C 80 7.77 -14.39 -5.93
CA GLU C 80 8.55 -13.34 -6.57
C GLU C 80 7.68 -12.56 -7.54
N GLU C 81 6.90 -13.27 -8.35
CA GLU C 81 6.04 -12.62 -9.33
C GLU C 81 4.88 -11.90 -8.67
N VAL C 82 4.30 -12.48 -7.60
CA VAL C 82 3.20 -11.81 -6.89
C VAL C 82 3.68 -10.47 -6.34
N TRP C 83 4.85 -10.47 -5.69
CA TRP C 83 5.36 -9.23 -5.13
C TRP C 83 5.65 -8.21 -6.24
N HIS C 84 6.33 -8.65 -7.30
CA HIS C 84 6.79 -7.72 -8.33
C HIS C 84 5.64 -7.19 -9.18
N TYR C 85 4.67 -8.06 -9.54
CA TYR C 85 3.65 -7.68 -10.52
C TYR C 85 2.29 -7.37 -9.92
N GLU C 86 2.02 -7.77 -8.67
CA GLU C 86 0.73 -7.52 -8.03
C GLU C 86 0.88 -6.56 -6.85
N CYS C 87 1.74 -6.89 -5.88
CA CYS C 87 1.79 -6.12 -4.65
C CYS C 87 2.45 -4.76 -4.88
N ILE C 88 3.64 -4.75 -5.51
CA ILE C 88 4.32 -3.47 -5.77
C ILE C 88 3.46 -2.53 -6.57
N PRO C 89 2.84 -2.93 -7.69
CA PRO C 89 1.98 -1.97 -8.40
C PRO C 89 0.77 -1.52 -7.60
N SER C 90 0.24 -2.40 -6.74
CA SER C 90 -0.90 -2.00 -5.92
CA SER C 90 -0.90 -2.01 -5.90
C SER C 90 -0.49 -0.97 -4.88
N ILE C 91 0.70 -1.14 -4.28
CA ILE C 91 1.23 -0.19 -3.33
C ILE C 91 1.42 1.17 -4.00
N ASP C 92 2.02 1.17 -5.18
CA ASP C 92 2.25 2.44 -5.88
C ASP C 92 0.93 3.08 -6.32
N GLU C 93 -0.02 2.28 -6.78
CA GLU C 93 -1.30 2.87 -7.16
C GLU C 93 -1.96 3.53 -5.95
N ARG C 94 -1.85 2.91 -4.78
CA ARG C 94 -2.50 3.47 -3.60
C ARG C 94 -1.86 4.78 -3.18
N CYS C 95 -0.54 4.92 -3.35
CA CYS C 95 0.12 6.18 -3.05
C CYS C 95 -0.30 7.29 -4.00
N ARG C 96 -0.43 7.00 -5.29
CA ARG C 96 -0.68 8.06 -6.27
C ARG C 96 -2.15 8.31 -6.57
N ARG C 97 -3.05 7.49 -6.01
CA ARG C 97 -4.46 7.58 -6.35
C ARG C 97 -5.01 8.98 -6.09
N PRO C 98 -5.56 9.66 -7.08
CA PRO C 98 -6.14 11.00 -6.82
C PRO C 98 -7.43 10.90 -6.02
N ASN C 99 -7.65 11.88 -5.14
CA ASN C 99 -8.90 11.89 -4.39
C ASN C 99 -10.11 12.06 -5.31
N ARG C 100 -9.95 12.76 -6.42
CA ARG C 100 -11.01 12.89 -7.42
C ARG C 100 -10.46 12.46 -8.77
N LYS C 101 -11.22 11.61 -9.45
CA LYS C 101 -10.88 11.22 -10.81
C LYS C 101 -11.00 12.44 -11.74
N LYS C 102 -10.06 12.55 -12.68
CA LYS C 102 -10.08 13.65 -13.65
C LYS C 102 -11.43 13.75 -14.35
N CYS C 103 -12.01 12.62 -14.76
CA CYS C 103 -13.29 12.68 -15.48
C CYS C 103 -14.40 13.23 -14.60
N ASP C 104 -14.30 13.04 -13.28
CA ASP C 104 -15.32 13.56 -12.38
C ASP C 104 -15.13 15.04 -12.12
N ILE C 105 -13.87 15.50 -12.03
CA ILE C 105 -13.61 16.93 -11.91
C ILE C 105 -14.21 17.67 -13.10
N LEU C 106 -14.01 17.13 -14.31
CA LEU C 106 -14.53 17.80 -15.50
C LEU C 106 -16.03 17.66 -15.61
N LYS C 107 -16.59 16.53 -15.18
CA LYS C 107 -18.03 16.33 -15.25
C LYS C 107 -18.77 17.30 -14.34
N LYS C 108 -18.20 17.60 -13.16
CA LYS C 108 -18.84 18.60 -12.30
C LYS C 108 -18.63 20.02 -12.81
N ALA C 109 -17.50 20.29 -13.47
CA ALA C 109 -17.24 21.61 -14.04
C ALA C 109 -18.36 22.09 -14.97
N LYS C 110 -19.29 21.21 -15.35
CA LYS C 110 -20.50 21.60 -16.08
C LYS C 110 -21.62 22.00 -15.13
N LYS C 111 -21.63 21.44 -13.92
CA LYS C 111 -22.70 21.70 -12.96
C LYS C 111 -22.65 23.14 -12.45
#